data_4I6L
#
_entry.id   4I6L
#
_cell.length_a   92.444
_cell.length_b   109.069
_cell.length_c   73.238
_cell.angle_alpha   90.00
_cell.angle_beta   90.00
_cell.angle_gamma   90.00
#
_symmetry.space_group_name_H-M   'C 2 2 21'
#
loop_
_entity.id
_entity.type
_entity.pdbx_description
1 polymer 'Ubiquitin thioesterase OTUB1'
2 polymer Ubiquitin
3 water water
#
loop_
_entity_poly.entity_id
_entity_poly.type
_entity_poly.pdbx_seq_one_letter_code
_entity_poly.pdbx_strand_id
1 'polypeptide(L)'
;GSNPLVSERLELSVLYKEYAEDDNIYQQKIKDLHKKYSYIRKTRPDGNSFYRAFGFSHLEALLDDSKELQRFKAVSAKSK
EDLVSQGFTEFTIEDFHNTFMDLIEQVEKQTSVADLLASFNDQSTSDYLVVYLRLLTSGYLQRESKFFEHFIEGGRTVKE
FCQQEVEPMCKESDHIHIIALAQALSVSIQVEYMDRGEGGTTNPHIFPEGSEPKVYLLYRPGHYDILYK
;
A
2 'polypeptide(L)' GSMQIFVKTLTGKTITLEVEPSDTIENVKAKIQDKEGIPPDQQKLLFARKQLEDGRTLSDYNIHKESFLYLVLRLR B
#
# COMPACT_ATOMS: atom_id res chain seq x y z
N GLY A 1 -3.63 15.22 -24.24
CA GLY A 1 -4.40 15.00 -23.03
C GLY A 1 -3.71 15.56 -21.81
N SER A 2 -4.33 16.57 -21.20
CA SER A 2 -3.76 17.22 -20.02
C SER A 2 -3.85 16.34 -18.78
N ASN A 3 -4.72 15.33 -18.83
CA ASN A 3 -5.00 14.49 -17.68
C ASN A 3 -4.98 12.99 -17.99
N PRO A 4 -3.82 12.46 -18.43
CA PRO A 4 -3.77 11.04 -18.80
C PRO A 4 -3.70 10.12 -17.60
N LEU A 5 -4.20 8.89 -17.76
CA LEU A 5 -4.17 7.89 -16.70
C LEU A 5 -2.74 7.63 -16.23
N VAL A 6 -1.84 7.40 -17.18
CA VAL A 6 -0.42 7.27 -16.87
C VAL A 6 0.38 8.16 -17.80
N SER A 7 1.23 9.01 -17.22
CA SER A 7 1.98 9.98 -18.02
C SER A 7 3.23 9.36 -18.63
N GLU A 8 4.02 10.21 -19.27
CA GLU A 8 5.34 9.81 -19.75
C GLU A 8 6.31 9.81 -18.59
N ARG A 9 7.45 9.12 -18.74
CA ARG A 9 8.50 9.19 -17.76
C ARG A 9 9.16 10.55 -17.85
N LEU A 10 9.35 11.21 -16.71
CA LEU A 10 9.94 12.54 -16.68
C LEU A 10 11.10 12.56 -15.70
N GLU A 11 11.76 13.70 -15.60
CA GLU A 11 12.72 13.93 -14.53
C GLU A 11 11.99 14.73 -13.46
N LEU A 12 12.40 14.55 -12.21
CA LEU A 12 11.69 15.17 -11.08
C LEU A 12 11.83 16.69 -10.99
N SER A 13 12.57 17.29 -11.92
CA SER A 13 12.71 18.74 -11.97
C SER A 13 11.35 19.44 -12.00
N VAL A 14 10.34 18.73 -12.51
CA VAL A 14 8.97 19.25 -12.56
C VAL A 14 8.27 19.13 -11.20
N LEU A 15 9.05 18.89 -10.15
CA LEU A 15 8.51 18.94 -8.79
C LEU A 15 8.73 20.31 -8.16
N TYR A 16 9.81 20.98 -8.56
CA TYR A 16 10.01 22.37 -8.17
C TYR A 16 8.96 23.19 -8.90
N LYS A 17 8.91 22.98 -10.21
CA LYS A 17 8.06 23.76 -11.11
C LYS A 17 6.61 23.26 -11.03
N GLU A 18 6.16 23.03 -9.81
CA GLU A 18 4.81 22.56 -9.52
C GLU A 18 4.46 23.17 -8.16
N TYR A 19 5.49 23.70 -7.51
CA TYR A 19 5.37 24.23 -6.16
C TYR A 19 5.70 25.72 -6.14
N ASP A 23 6.82 28.16 -0.70
CA ASP A 23 6.72 26.77 -0.29
C ASP A 23 8.13 26.20 -0.10
N ASN A 24 9.10 27.09 0.11
CA ASN A 24 10.52 26.75 0.11
C ASN A 24 10.94 25.55 0.97
N ILE A 25 10.17 25.22 2.00
CA ILE A 25 10.49 24.09 2.85
C ILE A 25 10.38 22.77 2.08
N TYR A 26 9.52 22.76 1.06
CA TYR A 26 9.37 21.60 0.21
C TYR A 26 10.51 21.47 -0.80
N GLN A 27 11.17 22.58 -1.10
CA GLN A 27 12.20 22.61 -2.13
C GLN A 27 13.45 21.79 -1.80
N GLN A 28 13.74 21.64 -0.51
CA GLN A 28 14.93 20.90 -0.07
C GLN A 28 14.76 19.39 -0.20
N LYS A 29 13.58 18.89 0.13
CA LYS A 29 13.33 17.45 0.17
C LYS A 29 13.33 16.78 -1.21
N ILE A 30 13.17 17.54 -2.28
CA ILE A 30 13.31 16.99 -3.62
C ILE A 30 14.78 16.73 -3.90
N LYS A 31 15.63 17.62 -3.41
CA LYS A 31 17.08 17.43 -3.49
C LYS A 31 17.44 16.21 -2.64
N ASP A 32 16.73 16.03 -1.54
CA ASP A 32 16.86 14.84 -0.70
C ASP A 32 16.37 13.62 -1.46
N LEU A 33 15.54 13.84 -2.48
CA LEU A 33 14.95 12.77 -3.26
C LEU A 33 15.73 12.56 -4.56
N HIS A 34 16.38 13.64 -5.03
CA HIS A 34 17.15 13.62 -6.26
C HIS A 34 18.45 12.84 -6.09
N LYS A 35 18.78 12.55 -4.84
CA LYS A 35 20.00 11.80 -4.52
C LYS A 35 19.73 10.30 -4.39
N LYS A 36 18.48 9.90 -4.61
CA LYS A 36 18.10 8.50 -4.54
C LYS A 36 17.17 8.12 -5.68
N TYR A 37 16.61 9.13 -6.34
CA TYR A 37 15.69 8.90 -7.45
C TYR A 37 16.01 9.87 -8.59
N SER A 38 16.00 9.36 -9.81
CA SER A 38 16.36 10.17 -10.97
C SER A 38 15.12 10.61 -11.77
N TYR A 39 14.12 9.74 -11.83
CA TYR A 39 12.94 9.96 -12.68
C TYR A 39 11.56 9.74 -12.03
N ILE A 40 10.53 10.31 -12.67
CA ILE A 40 9.17 10.28 -12.16
C ILE A 40 8.18 9.90 -13.23
N ARG A 41 7.24 9.03 -12.91
CA ARG A 41 6.08 8.84 -13.77
C ARG A 41 4.79 9.10 -12.99
N LYS A 42 3.88 9.83 -13.62
CA LYS A 42 2.66 10.27 -12.96
C LYS A 42 1.42 9.45 -13.31
N THR A 43 0.52 9.31 -12.33
CA THR A 43 -0.79 8.72 -12.59
C THR A 43 -1.87 9.77 -12.33
N ARG A 44 -3.04 9.56 -12.92
CA ARG A 44 -4.16 10.49 -12.72
C ARG A 44 -4.68 10.41 -11.29
N PRO A 45 -4.74 11.56 -10.59
CA PRO A 45 -5.26 11.60 -9.22
C PRO A 45 -6.77 11.37 -9.19
N ASP A 46 -7.17 10.10 -9.22
CA ASP A 46 -8.59 9.75 -9.29
C ASP A 46 -9.01 8.78 -8.19
N GLY A 47 -8.12 8.54 -7.23
CA GLY A 47 -8.39 7.60 -6.17
C GLY A 47 -7.99 6.18 -6.55
N ASN A 48 -7.40 6.04 -7.73
CA ASN A 48 -6.91 4.75 -8.21
C ASN A 48 -5.41 4.79 -8.42
N SER A 49 -4.78 5.83 -7.90
CA SER A 49 -3.37 6.11 -8.18
C SER A 49 -2.41 4.98 -7.78
N PHE A 50 -2.60 4.41 -6.59
CA PHE A 50 -1.69 3.37 -6.10
C PHE A 50 -1.66 2.13 -6.99
N TYR A 51 -2.85 1.64 -7.33
CA TYR A 51 -2.97 0.42 -8.12
C TYR A 51 -2.46 0.61 -9.55
N ARG A 52 -2.73 1.78 -10.12
CA ARG A 52 -2.30 2.07 -11.49
C ARG A 52 -0.80 2.31 -11.54
N ALA A 53 -0.25 2.88 -10.46
CA ALA A 53 1.19 3.14 -10.39
C ALA A 53 1.95 1.85 -10.19
N PHE A 54 1.46 1.02 -9.27
CA PHE A 54 2.06 -0.28 -9.00
C PHE A 54 2.03 -1.16 -10.25
N GLY A 55 0.85 -1.24 -10.86
CA GLY A 55 0.63 -2.08 -12.03
C GLY A 55 1.59 -1.78 -13.16
N PHE A 56 1.82 -0.50 -13.44
CA PHE A 56 2.71 -0.14 -14.53
C PHE A 56 4.18 -0.38 -14.15
N SER A 57 4.55 0.04 -12.94
CA SER A 57 5.93 -0.06 -12.48
C SER A 57 6.45 -1.49 -12.50
N HIS A 58 5.63 -2.43 -12.04
CA HIS A 58 6.03 -3.84 -11.99
C HIS A 58 6.07 -4.47 -13.38
N LEU A 59 5.00 -4.30 -14.14
CA LEU A 59 4.92 -4.85 -15.49
C LEU A 59 6.03 -4.32 -16.39
N GLU A 60 6.38 -3.05 -16.19
CA GLU A 60 7.46 -2.42 -16.94
C GLU A 60 8.80 -3.03 -16.56
N ALA A 61 8.94 -3.37 -15.29
CA ALA A 61 10.18 -3.96 -14.78
C ALA A 61 10.34 -5.40 -15.26
N LEU A 62 9.23 -6.09 -15.45
CA LEU A 62 9.27 -7.50 -15.83
C LEU A 62 9.74 -7.72 -17.27
N LEU A 63 9.87 -6.64 -18.03
CA LEU A 63 10.44 -6.72 -19.37
C LEU A 63 11.91 -7.14 -19.30
N ASP A 64 12.54 -6.87 -18.16
CA ASP A 64 13.97 -7.15 -17.99
C ASP A 64 14.25 -8.35 -17.08
N ASP A 65 13.21 -9.08 -16.71
CA ASP A 65 13.36 -10.26 -15.87
C ASP A 65 12.35 -11.34 -16.25
N SER A 66 12.74 -12.23 -17.14
CA SER A 66 11.86 -13.28 -17.64
C SER A 66 11.39 -14.22 -16.53
N LYS A 67 12.31 -14.57 -15.64
CA LYS A 67 12.05 -15.54 -14.59
C LYS A 67 11.13 -15.00 -13.50
N GLU A 68 11.22 -13.69 -13.25
CA GLU A 68 10.33 -13.05 -12.29
C GLU A 68 8.94 -12.89 -12.91
N LEU A 69 8.92 -12.70 -14.22
CA LEU A 69 7.67 -12.62 -14.96
C LEU A 69 6.90 -13.92 -14.87
N GLN A 70 7.62 -15.03 -14.99
CA GLN A 70 6.99 -16.35 -15.00
C GLN A 70 6.26 -16.67 -13.68
N ARG A 71 6.84 -16.29 -12.55
CA ARG A 71 6.18 -16.54 -11.28
C ARG A 71 5.08 -15.52 -11.01
N PHE A 72 5.25 -14.30 -11.50
CA PHE A 72 4.17 -13.31 -11.43
C PHE A 72 3.00 -13.78 -12.28
N LYS A 73 3.32 -14.34 -13.44
CA LYS A 73 2.30 -14.90 -14.33
C LYS A 73 1.61 -16.10 -13.70
N ALA A 74 2.39 -16.93 -13.00
CA ALA A 74 1.85 -18.13 -12.36
C ALA A 74 0.93 -17.77 -11.20
N VAL A 75 1.34 -16.79 -10.41
CA VAL A 75 0.54 -16.32 -9.28
C VAL A 75 -0.75 -15.67 -9.77
N SER A 76 -0.64 -14.86 -10.82
CA SER A 76 -1.77 -14.14 -11.36
C SER A 76 -2.79 -15.05 -12.04
N ALA A 77 -2.31 -16.12 -12.64
CA ALA A 77 -3.18 -17.07 -13.33
C ALA A 77 -4.02 -17.85 -12.33
N LYS A 78 -3.40 -18.26 -11.24
CA LYS A 78 -4.07 -19.02 -10.20
C LYS A 78 -5.03 -18.13 -9.40
N SER A 79 -4.78 -16.83 -9.41
CA SER A 79 -5.50 -15.89 -8.55
C SER A 79 -7.00 -15.82 -8.79
N LYS A 80 -7.44 -16.10 -10.02
CA LYS A 80 -8.87 -16.07 -10.34
C LYS A 80 -9.66 -17.12 -9.57
N GLU A 81 -9.30 -18.38 -9.75
CA GLU A 81 -9.96 -19.48 -9.05
C GLU A 81 -9.74 -19.33 -7.54
N ASP A 82 -8.65 -18.67 -7.17
CA ASP A 82 -8.33 -18.42 -5.77
C ASP A 82 -9.33 -17.46 -5.13
N LEU A 83 -9.71 -16.42 -5.88
CA LEU A 83 -10.73 -15.49 -5.41
C LEU A 83 -12.10 -16.17 -5.36
N VAL A 84 -12.36 -17.02 -6.35
CA VAL A 84 -13.64 -17.71 -6.47
C VAL A 84 -13.89 -18.63 -5.28
N SER A 85 -12.86 -19.37 -4.87
CA SER A 85 -12.98 -20.32 -3.77
C SER A 85 -13.29 -19.64 -2.45
N GLN A 86 -12.94 -18.36 -2.33
CA GLN A 86 -13.18 -17.63 -1.09
C GLN A 86 -14.36 -16.66 -1.19
N GLY A 87 -15.31 -16.97 -2.05
CA GLY A 87 -16.57 -16.24 -2.07
C GLY A 87 -16.89 -15.40 -3.29
N PHE A 88 -15.88 -15.13 -4.12
CA PHE A 88 -16.09 -14.30 -5.30
C PHE A 88 -16.76 -15.07 -6.43
N THR A 89 -17.54 -14.34 -7.24
CA THR A 89 -18.21 -14.94 -8.38
C THR A 89 -17.28 -14.90 -9.59
N GLU A 90 -16.93 -16.08 -10.10
CA GLU A 90 -16.02 -16.19 -11.24
C GLU A 90 -16.50 -15.36 -12.42
N PHE A 91 -17.80 -15.40 -12.67
CA PHE A 91 -18.39 -14.70 -13.81
C PHE A 91 -18.31 -13.18 -13.65
N THR A 92 -18.26 -12.72 -12.40
CA THR A 92 -18.22 -11.28 -12.12
C THR A 92 -16.81 -10.73 -12.34
N ILE A 93 -15.81 -11.54 -12.05
CA ILE A 93 -14.41 -11.10 -12.08
C ILE A 93 -13.67 -11.59 -13.31
N GLU A 94 -14.32 -12.44 -14.10
CA GLU A 94 -13.72 -13.09 -15.26
C GLU A 94 -12.93 -12.17 -16.17
N ASP A 95 -13.61 -11.17 -16.73
CA ASP A 95 -13.01 -10.30 -17.74
C ASP A 95 -11.93 -9.39 -17.17
N PHE A 96 -12.06 -9.03 -15.90
CA PHE A 96 -11.05 -8.21 -15.23
C PHE A 96 -9.74 -8.99 -15.14
N HIS A 97 -9.84 -10.25 -14.73
CA HIS A 97 -8.68 -11.11 -14.60
C HIS A 97 -8.02 -11.37 -15.95
N ASN A 98 -8.84 -11.51 -16.99
CA ASN A 98 -8.33 -11.81 -18.32
C ASN A 98 -7.55 -10.65 -18.93
N THR A 99 -8.02 -9.43 -18.67
CA THR A 99 -7.32 -8.23 -19.11
C THR A 99 -5.98 -8.14 -18.39
N PHE A 100 -5.98 -8.52 -17.12
CA PHE A 100 -4.77 -8.54 -16.31
C PHE A 100 -3.75 -9.52 -16.89
N MET A 101 -4.18 -10.74 -17.17
CA MET A 101 -3.31 -11.76 -17.75
C MET A 101 -2.86 -11.36 -19.15
N ASP A 102 -3.69 -10.58 -19.83
CA ASP A 102 -3.39 -10.13 -21.19
C ASP A 102 -2.20 -9.18 -21.20
N LEU A 103 -2.11 -8.32 -20.19
CA LEU A 103 -1.00 -7.39 -20.07
C LEU A 103 0.30 -8.13 -19.77
N ILE A 104 0.20 -9.16 -18.95
CA ILE A 104 1.35 -10.00 -18.61
C ILE A 104 1.90 -10.70 -19.85
N GLU A 105 1.00 -11.16 -20.71
CA GLU A 105 1.38 -11.83 -21.95
C GLU A 105 2.11 -10.86 -22.90
N GLN A 106 1.64 -9.62 -22.93
CA GLN A 106 2.28 -8.59 -23.74
C GLN A 106 3.72 -8.37 -23.29
N VAL A 107 3.91 -8.31 -21.98
CA VAL A 107 5.24 -8.17 -21.39
C VAL A 107 6.10 -9.39 -21.71
N GLU A 108 5.47 -10.57 -21.66
CA GLU A 108 6.16 -11.82 -21.94
C GLU A 108 6.67 -11.86 -23.38
N LYS A 109 5.93 -11.24 -24.29
CA LYS A 109 6.32 -11.20 -25.69
C LYS A 109 7.11 -9.94 -26.00
N GLN A 110 7.66 -9.34 -24.95
CA GLN A 110 8.55 -8.18 -25.07
C GLN A 110 7.93 -6.99 -25.80
N THR A 111 6.74 -6.58 -25.36
CA THR A 111 6.11 -5.38 -25.88
C THR A 111 7.00 -4.18 -25.60
N SER A 112 6.95 -3.17 -26.47
CA SER A 112 7.71 -1.95 -26.24
C SER A 112 7.14 -1.23 -25.03
N VAL A 113 7.95 -0.40 -24.40
CA VAL A 113 7.48 0.38 -23.26
C VAL A 113 6.42 1.39 -23.70
N ALA A 114 6.55 1.86 -24.94
CA ALA A 114 5.58 2.79 -25.51
C ALA A 114 4.20 2.15 -25.66
N ASP A 115 4.18 0.90 -26.14
CA ASP A 115 2.92 0.18 -26.32
C ASP A 115 2.29 -0.18 -24.98
N LEU A 116 3.13 -0.46 -23.98
CA LEU A 116 2.66 -0.77 -22.64
C LEU A 116 1.98 0.44 -22.03
N LEU A 117 2.56 1.61 -22.29
CA LEU A 117 2.01 2.87 -21.80
C LEU A 117 0.65 3.17 -22.43
N ALA A 118 0.52 2.82 -23.72
CA ALA A 118 -0.73 3.05 -24.44
C ALA A 118 -1.88 2.23 -23.86
N SER A 119 -1.57 0.99 -23.48
CA SER A 119 -2.57 0.11 -22.88
C SER A 119 -3.02 0.64 -21.52
N PHE A 120 -2.10 1.26 -20.81
CA PHE A 120 -2.39 1.86 -19.50
C PHE A 120 -3.12 3.18 -19.64
N ASN A 121 -3.22 3.68 -20.87
CA ASN A 121 -3.95 4.91 -21.13
C ASN A 121 -5.30 4.67 -21.82
N ASP A 122 -5.58 3.40 -22.12
CA ASP A 122 -6.91 3.02 -22.56
C ASP A 122 -7.79 2.83 -21.34
N GLN A 123 -8.82 3.68 -21.23
CA GLN A 123 -9.69 3.72 -20.06
C GLN A 123 -10.20 2.35 -19.65
N SER A 124 -10.78 1.62 -20.60
CA SER A 124 -11.35 0.31 -20.32
C SER A 124 -10.29 -0.69 -19.86
N THR A 125 -9.16 -0.74 -20.57
CA THR A 125 -8.09 -1.68 -20.24
C THR A 125 -7.41 -1.33 -18.92
N SER A 126 -7.09 -0.05 -18.73
CA SER A 126 -6.37 0.39 -17.55
C SER A 126 -7.20 0.28 -16.26
N ASP A 127 -8.50 0.52 -16.38
CA ASP A 127 -9.38 0.46 -15.21
C ASP A 127 -9.78 -0.97 -14.88
N TYR A 128 -9.92 -1.81 -15.91
CA TYR A 128 -10.14 -3.24 -15.71
C TYR A 128 -9.00 -3.81 -14.88
N LEU A 129 -7.80 -3.31 -15.12
CA LEU A 129 -6.62 -3.72 -14.38
C LEU A 129 -6.73 -3.36 -12.91
N VAL A 130 -7.00 -2.09 -12.64
CA VAL A 130 -7.14 -1.58 -11.28
C VAL A 130 -8.23 -2.32 -10.52
N VAL A 131 -9.34 -2.59 -11.20
CA VAL A 131 -10.44 -3.35 -10.61
C VAL A 131 -9.94 -4.69 -10.07
N TYR A 132 -9.16 -5.40 -10.88
CA TYR A 132 -8.70 -6.72 -10.48
C TYR A 132 -7.64 -6.67 -9.39
N LEU A 133 -6.79 -5.64 -9.43
CA LEU A 133 -5.80 -5.44 -8.39
C LEU A 133 -6.49 -5.16 -7.05
N ARG A 134 -7.61 -4.45 -7.11
CA ARG A 134 -8.42 -4.19 -5.92
C ARG A 134 -9.07 -5.47 -5.40
N LEU A 135 -9.45 -6.35 -6.33
CA LEU A 135 -10.05 -7.63 -5.95
C LEU A 135 -9.02 -8.55 -5.31
N LEU A 136 -7.79 -8.49 -5.83
CA LEU A 136 -6.68 -9.25 -5.25
C LEU A 136 -6.43 -8.78 -3.82
N THR A 137 -6.35 -7.46 -3.67
CA THR A 137 -6.13 -6.83 -2.38
C THR A 137 -7.23 -7.22 -1.38
N SER A 138 -8.48 -7.10 -1.83
CA SER A 138 -9.62 -7.43 -1.00
C SER A 138 -9.66 -8.92 -0.67
N GLY A 139 -9.32 -9.75 -1.65
CA GLY A 139 -9.29 -11.18 -1.46
C GLY A 139 -8.30 -11.59 -0.39
N TYR A 140 -7.12 -10.98 -0.41
CA TYR A 140 -6.09 -11.27 0.57
C TYR A 140 -6.51 -10.80 1.97
N LEU A 141 -7.08 -9.60 2.04
CA LEU A 141 -7.50 -9.02 3.32
C LEU A 141 -8.53 -9.90 4.03
N GLN A 142 -9.56 -10.31 3.30
CA GLN A 142 -10.60 -11.18 3.84
C GLN A 142 -10.02 -12.55 4.19
N ARG A 143 -9.10 -13.03 3.37
CA ARG A 143 -8.45 -14.30 3.61
C ARG A 143 -7.63 -14.27 4.90
N GLU A 144 -6.94 -13.15 5.12
CA GLU A 144 -6.16 -12.97 6.34
C GLU A 144 -6.89 -12.05 7.31
N SER A 145 -8.20 -12.26 7.44
CA SER A 145 -9.05 -11.39 8.24
C SER A 145 -8.64 -11.33 9.71
N LYS A 146 -8.09 -12.42 10.23
CA LYS A 146 -7.64 -12.46 11.62
C LYS A 146 -6.51 -11.48 11.88
N PHE A 147 -5.59 -11.36 10.92
CA PHE A 147 -4.48 -10.43 11.06
C PHE A 147 -4.95 -8.98 10.95
N PHE A 148 -5.66 -8.67 9.86
CA PHE A 148 -6.03 -7.30 9.55
C PHE A 148 -7.18 -6.73 10.38
N GLU A 149 -7.89 -7.60 11.09
CA GLU A 149 -8.95 -7.16 12.00
C GLU A 149 -8.37 -6.28 13.10
N HIS A 150 -7.15 -6.58 13.52
CA HIS A 150 -6.48 -5.84 14.57
C HIS A 150 -6.26 -4.38 14.18
N PHE A 151 -6.16 -4.13 12.88
CA PHE A 151 -5.87 -2.79 12.38
C PHE A 151 -7.10 -2.04 11.91
N ILE A 152 -8.25 -2.72 11.91
CA ILE A 152 -9.51 -2.09 11.52
C ILE A 152 -10.42 -1.95 12.73
N GLU A 153 -10.90 -0.73 12.96
CA GLU A 153 -11.75 -0.45 14.11
C GLU A 153 -13.02 -1.28 14.09
N GLY A 154 -13.54 -1.60 15.29
CA GLY A 154 -14.78 -2.33 15.41
C GLY A 154 -15.94 -1.56 14.78
N GLY A 155 -16.93 -2.30 14.30
CA GLY A 155 -18.06 -1.70 13.62
C GLY A 155 -18.22 -2.26 12.22
N ARG A 156 -17.14 -2.86 11.71
CA ARG A 156 -17.15 -3.46 10.39
C ARG A 156 -16.27 -4.70 10.37
N THR A 157 -16.71 -5.71 9.64
CA THR A 157 -15.89 -6.87 9.36
C THR A 157 -14.89 -6.45 8.29
N VAL A 158 -13.82 -7.25 8.13
CA VAL A 158 -12.86 -7.05 7.05
C VAL A 158 -13.58 -7.02 5.70
N LYS A 159 -14.63 -7.82 5.55
CA LYS A 159 -15.37 -7.87 4.30
C LYS A 159 -16.09 -6.55 4.03
N GLU A 160 -16.76 -6.03 5.05
CA GLU A 160 -17.48 -4.76 4.93
C GLU A 160 -16.50 -3.63 4.65
N PHE A 161 -15.33 -3.70 5.28
CA PHE A 161 -14.27 -2.74 5.04
C PHE A 161 -13.79 -2.82 3.58
N CYS A 162 -13.66 -4.03 3.08
CA CYS A 162 -13.21 -4.24 1.71
C CYS A 162 -14.20 -3.69 0.69
N GLN A 163 -15.49 -3.95 0.92
CA GLN A 163 -16.54 -3.52 0.00
C GLN A 163 -16.77 -2.01 0.06
N GLN A 164 -16.20 -1.35 1.06
CA GLN A 164 -16.38 0.08 1.21
C GLN A 164 -15.11 0.87 0.88
N GLU A 165 -13.94 0.25 1.13
CA GLU A 165 -12.69 0.99 1.05
C GLU A 165 -11.69 0.44 0.02
N VAL A 166 -11.83 -0.83 -0.33
CA VAL A 166 -10.86 -1.46 -1.22
C VAL A 166 -11.41 -1.78 -2.61
N GLU A 167 -12.47 -2.59 -2.65
CA GLU A 167 -13.09 -2.99 -3.92
C GLU A 167 -13.63 -1.85 -4.81
N PRO A 168 -14.32 -0.86 -4.23
CA PRO A 168 -14.82 0.19 -5.12
C PRO A 168 -13.71 1.02 -5.76
N MET A 169 -13.89 1.37 -7.03
CA MET A 169 -12.99 2.29 -7.69
C MET A 169 -13.07 3.65 -7.01
N CYS A 170 -12.10 4.51 -7.28
CA CYS A 170 -12.04 5.87 -6.73
C CYS A 170 -11.60 5.93 -5.27
N LYS A 171 -11.59 4.79 -4.59
CA LYS A 171 -11.17 4.73 -3.18
C LYS A 171 -9.65 4.66 -3.06
N GLU A 172 -9.04 5.76 -2.63
CA GLU A 172 -7.59 5.85 -2.54
C GLU A 172 -7.02 4.91 -1.47
N SER A 173 -5.78 4.47 -1.69
CA SER A 173 -5.15 3.46 -0.86
C SER A 173 -4.36 4.03 0.31
N ASP A 174 -4.28 3.27 1.39
CA ASP A 174 -3.35 3.56 2.49
C ASP A 174 -2.52 2.32 2.77
N HIS A 175 -1.85 2.28 3.91
CA HIS A 175 -0.91 1.20 4.23
C HIS A 175 -1.51 -0.20 4.23
N ILE A 176 -2.80 -0.30 4.52
CA ILE A 176 -3.46 -1.61 4.57
C ILE A 176 -3.67 -2.18 3.16
N HIS A 177 -3.82 -1.29 2.18
CA HIS A 177 -3.96 -1.70 0.79
C HIS A 177 -2.62 -2.22 0.29
N ILE A 178 -1.57 -1.50 0.61
CA ILE A 178 -0.23 -1.78 0.09
C ILE A 178 0.33 -3.11 0.59
N ILE A 179 0.17 -3.38 1.88
CA ILE A 179 0.66 -4.63 2.45
C ILE A 179 -0.11 -5.83 1.90
N ALA A 180 -1.41 -5.66 1.71
CA ALA A 180 -2.25 -6.73 1.18
C ALA A 180 -1.87 -7.10 -0.25
N LEU A 181 -1.69 -6.08 -1.09
CA LEU A 181 -1.30 -6.31 -2.47
C LEU A 181 0.12 -6.84 -2.60
N ALA A 182 1.01 -6.36 -1.74
CA ALA A 182 2.40 -6.78 -1.75
C ALA A 182 2.54 -8.23 -1.33
N GLN A 183 1.66 -8.68 -0.43
CA GLN A 183 1.68 -10.06 0.02
C GLN A 183 0.90 -10.98 -0.92
N ALA A 184 -0.15 -10.45 -1.52
CA ALA A 184 -0.99 -11.23 -2.43
C ALA A 184 -0.23 -11.58 -3.71
N LEU A 185 0.61 -10.65 -4.17
CA LEU A 185 1.35 -10.84 -5.41
C LEU A 185 2.82 -11.16 -5.15
N SER A 186 3.20 -11.14 -3.87
CA SER A 186 4.56 -11.45 -3.45
C SER A 186 5.61 -10.54 -4.10
N VAL A 187 5.33 -9.25 -4.18
CA VAL A 187 6.34 -8.29 -4.61
C VAL A 187 6.45 -7.15 -3.61
N SER A 188 7.68 -6.72 -3.33
CA SER A 188 7.93 -5.73 -2.28
C SER A 188 7.76 -4.31 -2.79
N ILE A 189 7.25 -3.44 -1.92
CA ILE A 189 6.97 -2.05 -2.30
C ILE A 189 7.54 -1.07 -1.28
N GLN A 190 8.23 -0.05 -1.78
CA GLN A 190 8.71 1.03 -0.92
C GLN A 190 8.04 2.36 -1.26
N VAL A 191 7.54 3.05 -0.23
CA VAL A 191 6.85 4.31 -0.43
C VAL A 191 7.61 5.48 0.16
N GLU A 192 7.82 6.52 -0.65
CA GLU A 192 8.42 7.75 -0.17
C GLU A 192 7.34 8.82 -0.02
N TYR A 193 7.50 9.70 0.96
CA TYR A 193 6.49 10.70 1.27
C TYR A 193 6.98 12.12 1.04
N MET A 194 6.07 13.08 1.16
CA MET A 194 6.40 14.47 0.88
C MET A 194 5.36 15.41 1.50
N PRO A 204 10.06 6.22 4.46
CA PRO A 204 10.54 5.00 3.80
C PRO A 204 10.00 3.72 4.47
N HIS A 205 8.79 3.33 4.09
CA HIS A 205 8.21 2.08 4.54
C HIS A 205 8.42 1.00 3.49
N ILE A 206 8.73 -0.22 3.92
CA ILE A 206 8.88 -1.34 3.01
C ILE A 206 7.84 -2.41 3.29
N PHE A 207 7.04 -2.72 2.27
CA PHE A 207 5.98 -3.70 2.39
C PHE A 207 6.32 -4.93 1.55
N PRO A 208 6.57 -6.08 2.20
CA PRO A 208 6.53 -6.24 3.66
C PRO A 208 7.86 -5.89 4.32
N GLU A 209 7.84 -5.75 5.65
CA GLU A 209 9.02 -5.39 6.42
C GLU A 209 10.16 -6.39 6.21
N GLY A 210 11.36 -5.87 6.06
CA GLY A 210 12.55 -6.69 5.95
C GLY A 210 12.68 -7.40 4.61
N SER A 211 12.18 -6.76 3.56
CA SER A 211 12.28 -7.31 2.21
C SER A 211 12.96 -6.31 1.29
N GLU A 212 13.34 -6.75 0.09
CA GLU A 212 13.97 -5.87 -0.88
C GLU A 212 12.95 -5.31 -1.85
N PRO A 213 12.72 -3.99 -1.79
CA PRO A 213 11.70 -3.32 -2.60
C PRO A 213 11.98 -3.39 -4.10
N LYS A 214 10.99 -3.81 -4.86
CA LYS A 214 11.09 -3.85 -6.31
C LYS A 214 10.29 -2.72 -6.94
N VAL A 215 9.26 -2.27 -6.22
CA VAL A 215 8.44 -1.14 -6.68
C VAL A 215 8.65 0.08 -5.78
N TYR A 216 8.96 1.22 -6.39
CA TYR A 216 9.19 2.46 -5.65
C TYR A 216 8.14 3.51 -6.00
N LEU A 217 7.44 4.00 -4.97
CA LEU A 217 6.37 4.97 -5.17
C LEU A 217 6.57 6.24 -4.35
N LEU A 218 5.96 7.32 -4.80
CA LEU A 218 5.96 8.57 -4.06
C LEU A 218 4.53 8.91 -3.65
N TYR A 219 4.34 9.24 -2.37
CA TYR A 219 3.01 9.57 -1.89
C TYR A 219 2.83 11.04 -1.49
N ARG A 220 1.81 11.66 -2.09
CA ARG A 220 1.34 12.97 -1.71
C ARG A 220 -0.13 12.76 -1.34
N PRO A 221 -0.68 13.59 -0.42
CA PRO A 221 -1.99 13.35 0.18
C PRO A 221 -3.07 12.82 -0.78
N GLY A 222 -3.45 11.57 -0.60
CA GLY A 222 -4.42 10.91 -1.47
C GLY A 222 -3.96 10.69 -2.89
N HIS A 223 -2.65 10.51 -3.09
CA HIS A 223 -2.11 10.28 -4.43
C HIS A 223 -0.74 9.60 -4.48
N TYR A 224 -0.58 8.67 -5.42
CA TYR A 224 0.67 7.95 -5.60
C TYR A 224 1.24 8.15 -7.00
N ASP A 225 2.57 8.31 -7.07
CA ASP A 225 3.27 8.38 -8.35
C ASP A 225 4.39 7.35 -8.39
N ILE A 226 4.87 7.04 -9.59
CA ILE A 226 5.95 6.07 -9.76
C ILE A 226 7.31 6.74 -9.69
N LEU A 227 8.20 6.17 -8.88
CA LEU A 227 9.59 6.62 -8.81
C LEU A 227 10.49 5.61 -9.50
N TYR A 228 11.54 6.09 -10.14
CA TYR A 228 12.57 5.21 -10.70
C TYR A 228 13.92 5.58 -10.12
N LYS A 229 14.73 4.58 -9.79
CA LYS A 229 16.08 4.87 -9.30
C LYS A 229 16.94 5.39 -10.44
N GLY B 1 8.38 2.77 32.49
CA GLY B 1 8.81 1.44 32.14
C GLY B 1 8.84 0.50 33.32
N SER B 2 7.76 -0.26 33.49
CA SER B 2 7.67 -1.26 34.56
C SER B 2 7.22 -2.59 34.00
N MET B 3 6.54 -2.55 32.85
CA MET B 3 6.12 -3.76 32.16
C MET B 3 6.39 -3.65 30.67
N GLN B 4 6.20 -4.75 29.95
CA GLN B 4 6.54 -4.80 28.53
C GLN B 4 5.33 -5.05 27.64
N ILE B 5 5.20 -4.23 26.60
CA ILE B 5 4.15 -4.43 25.60
C ILE B 5 4.74 -4.36 24.19
N PHE B 6 3.97 -4.78 23.20
CA PHE B 6 4.45 -4.79 21.83
C PHE B 6 3.52 -4.01 20.91
N VAL B 7 4.10 -3.18 20.04
CA VAL B 7 3.30 -2.42 19.09
C VAL B 7 3.48 -2.95 17.66
N LYS B 8 2.37 -3.26 17.00
CA LYS B 8 2.39 -3.87 15.66
C LYS B 8 2.03 -2.87 14.56
N THR B 9 2.82 -2.83 13.49
CA THR B 9 2.52 -1.98 12.34
C THR B 9 2.07 -2.83 11.16
N LEU B 10 1.48 -2.17 10.17
CA LEU B 10 0.94 -2.85 9.01
C LEU B 10 2.00 -3.49 8.11
N THR B 11 3.24 -3.05 8.23
CA THR B 11 4.32 -3.62 7.42
C THR B 11 4.74 -4.99 7.93
N GLY B 12 4.39 -5.28 9.19
CA GLY B 12 4.77 -6.53 9.81
C GLY B 12 5.79 -6.33 10.91
N LYS B 13 6.18 -5.07 11.11
CA LYS B 13 7.17 -4.72 12.12
C LYS B 13 6.59 -4.77 13.53
N THR B 14 7.34 -5.38 14.45
CA THR B 14 6.96 -5.43 15.86
C THR B 14 7.87 -4.55 16.71
N ILE B 15 7.28 -3.59 17.39
CA ILE B 15 8.03 -2.67 18.23
C ILE B 15 7.84 -3.02 19.71
N THR B 16 8.96 -3.20 20.42
CA THR B 16 8.92 -3.52 21.83
C THR B 16 9.06 -2.27 22.68
N LEU B 17 8.09 -2.05 23.58
CA LEU B 17 8.11 -0.89 24.45
C LEU B 17 8.12 -1.30 25.92
N GLU B 18 8.80 -0.49 26.74
CA GLU B 18 8.75 -0.65 28.18
C GLU B 18 7.84 0.46 28.72
N VAL B 19 6.79 0.08 29.42
CA VAL B 19 5.77 1.05 29.85
C VAL B 19 5.34 0.86 31.29
N GLU B 20 4.75 1.91 31.86
CA GLU B 20 4.12 1.84 33.15
C GLU B 20 2.66 1.48 32.92
N PRO B 21 2.07 0.69 33.83
CA PRO B 21 0.66 0.28 33.71
C PRO B 21 -0.28 1.49 33.66
N SER B 22 0.17 2.63 34.18
CA SER B 22 -0.65 3.82 34.25
C SER B 22 -0.24 4.87 33.22
N ASP B 23 0.60 4.49 32.26
CA ASP B 23 1.02 5.40 31.21
C ASP B 23 -0.17 5.85 30.38
N THR B 24 -0.22 7.14 30.08
CA THR B 24 -1.23 7.67 29.18
C THR B 24 -0.94 7.13 27.78
N ILE B 25 -1.94 7.18 26.91
CA ILE B 25 -1.77 6.70 25.53
C ILE B 25 -0.75 7.54 24.78
N GLU B 26 -0.78 8.86 24.99
CA GLU B 26 0.14 9.78 24.32
C GLU B 26 1.57 9.63 24.82
N ASN B 27 1.74 9.09 26.03
CA ASN B 27 3.08 8.79 26.51
C ASN B 27 3.60 7.53 25.83
N VAL B 28 2.68 6.64 25.48
CA VAL B 28 3.03 5.46 24.69
C VAL B 28 3.40 5.89 23.27
N LYS B 29 2.64 6.84 22.73
CA LYS B 29 2.92 7.39 21.41
C LYS B 29 4.23 8.15 21.40
N ALA B 30 4.58 8.74 22.53
CA ALA B 30 5.84 9.46 22.68
C ALA B 30 7.02 8.49 22.65
N LYS B 31 6.85 7.33 23.27
CA LYS B 31 7.88 6.30 23.27
C LYS B 31 8.07 5.73 21.87
N ILE B 32 6.97 5.66 21.12
CA ILE B 32 7.01 5.18 19.75
C ILE B 32 7.75 6.19 18.87
N GLN B 33 7.53 7.47 19.16
CA GLN B 33 8.15 8.56 18.40
C GLN B 33 9.67 8.57 18.54
N ASP B 34 10.17 8.66 19.78
CA ASP B 34 11.62 8.65 20.00
C ASP B 34 12.23 7.26 19.79
N LYS B 35 11.63 6.47 18.90
CA LYS B 35 12.11 5.14 18.57
C LYS B 35 11.79 4.80 17.11
N GLU B 36 10.80 5.49 16.54
CA GLU B 36 10.42 5.26 15.15
C GLU B 36 10.37 6.55 14.35
N GLY B 37 10.62 7.66 15.03
CA GLY B 37 10.63 8.97 14.39
C GLY B 37 9.26 9.37 13.85
N ILE B 38 8.21 8.76 14.39
CA ILE B 38 6.85 9.03 13.95
C ILE B 38 6.13 9.98 14.90
N PRO B 39 5.81 11.19 14.42
CA PRO B 39 5.03 12.18 15.18
C PRO B 39 3.76 11.56 15.77
N PRO B 40 3.54 11.74 17.08
CA PRO B 40 2.37 11.21 17.80
C PRO B 40 1.04 11.59 17.14
N ASP B 41 0.99 12.76 16.49
CA ASP B 41 -0.23 13.18 15.82
C ASP B 41 -0.53 12.38 14.54
N GLN B 42 0.43 11.55 14.13
CA GLN B 42 0.23 10.65 12.99
C GLN B 42 -0.16 9.25 13.47
N GLN B 43 0.13 8.95 14.73
CA GLN B 43 -0.09 7.61 15.28
C GLN B 43 -1.55 7.39 15.68
N LYS B 44 -2.08 6.24 15.27
CA LYS B 44 -3.38 5.80 15.74
C LYS B 44 -3.24 4.39 16.32
N LEU B 45 -3.50 4.26 17.62
CA LEU B 45 -3.30 3.00 18.32
C LEU B 45 -4.62 2.27 18.57
N LEU B 46 -4.63 0.97 18.30
CA LEU B 46 -5.82 0.15 18.52
C LEU B 46 -5.53 -0.96 19.51
N PHE B 47 -6.50 -1.25 20.36
CA PHE B 47 -6.47 -2.44 21.20
C PHE B 47 -7.86 -3.05 21.22
N ALA B 48 -7.95 -4.33 20.85
CA ALA B 48 -9.22 -5.02 20.67
C ALA B 48 -10.13 -4.25 19.72
N ARG B 49 -9.53 -3.78 18.62
CA ARG B 49 -10.24 -3.04 17.57
C ARG B 49 -10.87 -1.73 18.02
N LYS B 50 -10.41 -1.22 19.16
CA LYS B 50 -10.88 0.08 19.65
C LYS B 50 -9.72 1.06 19.71
N GLN B 51 -9.95 2.29 19.24
CA GLN B 51 -8.91 3.31 19.25
C GLN B 51 -8.63 3.82 20.67
N LEU B 52 -7.36 3.90 21.02
CA LEU B 52 -6.97 4.39 22.34
C LEU B 52 -6.89 5.90 22.33
N GLU B 53 -7.44 6.54 23.36
CA GLU B 53 -7.55 7.99 23.41
C GLU B 53 -6.50 8.66 24.28
N ASP B 54 -6.02 9.81 23.83
CA ASP B 54 -5.10 10.62 24.61
C ASP B 54 -5.77 11.05 25.91
N GLY B 55 -5.08 10.85 27.03
CA GLY B 55 -5.62 11.22 28.33
C GLY B 55 -5.95 9.99 29.15
N ARG B 56 -6.30 8.92 28.47
CA ARG B 56 -6.63 7.65 29.13
C ARG B 56 -5.37 6.81 29.30
N THR B 57 -5.34 5.97 30.33
CA THR B 57 -4.17 5.16 30.61
C THR B 57 -4.32 3.74 30.04
N LEU B 58 -3.23 2.99 30.02
CA LEU B 58 -3.24 1.61 29.57
C LEU B 58 -4.15 0.75 30.45
N SER B 59 -4.19 1.07 31.74
CA SER B 59 -5.00 0.31 32.69
C SER B 59 -6.48 0.56 32.49
N ASP B 60 -6.83 1.71 31.90
CA ASP B 60 -8.21 2.04 31.60
C ASP B 60 -8.78 1.10 30.54
N TYR B 61 -7.90 0.56 29.69
CA TYR B 61 -8.31 -0.35 28.64
C TYR B 61 -8.00 -1.80 28.99
N ASN B 62 -7.66 -2.03 30.26
CA ASN B 62 -7.30 -3.36 30.74
C ASN B 62 -6.13 -3.97 29.98
N ILE B 63 -5.19 -3.12 29.60
CA ILE B 63 -3.98 -3.56 28.90
C ILE B 63 -2.92 -3.97 29.90
N HIS B 64 -2.59 -5.27 29.91
CA HIS B 64 -1.62 -5.79 30.86
C HIS B 64 -0.30 -6.10 30.18
N LYS B 65 0.63 -6.71 30.90
CA LYS B 65 1.95 -7.02 30.37
C LYS B 65 1.88 -7.98 29.18
N GLU B 66 2.83 -7.85 28.27
CA GLU B 66 2.93 -8.69 27.06
C GLU B 66 1.74 -8.54 26.11
N SER B 67 0.97 -7.46 26.28
CA SER B 67 -0.16 -7.19 25.39
C SER B 67 0.32 -6.67 24.04
N PHE B 68 -0.59 -6.69 23.07
CA PHE B 68 -0.28 -6.20 21.73
C PHE B 68 -1.12 -4.97 21.39
N LEU B 69 -0.46 -3.84 21.10
CA LEU B 69 -1.16 -2.69 20.54
C LEU B 69 -0.93 -2.71 19.04
N TYR B 70 -1.86 -2.15 18.28
CA TYR B 70 -1.74 -2.13 16.83
C TYR B 70 -1.71 -0.70 16.32
N LEU B 71 -0.73 -0.41 15.47
CA LEU B 71 -0.48 0.96 15.02
C LEU B 71 -0.81 1.16 13.55
N VAL B 72 -1.74 2.07 13.28
CA VAL B 72 -2.01 2.48 11.91
C VAL B 72 -1.73 3.99 11.78
N LEU B 73 -1.02 4.37 10.73
CA LEU B 73 -0.67 5.76 10.51
C LEU B 73 -1.81 6.46 9.76
N ARG B 74 -1.97 7.76 10.02
CA ARG B 74 -3.10 8.49 9.46
C ARG B 74 -2.91 8.87 7.99
N LEU B 75 -1.67 9.19 7.62
CA LEU B 75 -1.40 9.65 6.27
C LEU B 75 -0.28 8.85 5.62
#